data_3IXM
#
_entry.id   3IXM
#
_cell.length_a   100.730
_cell.length_b   100.730
_cell.length_c   54.165
_cell.angle_alpha   90.00
_cell.angle_beta   90.00
_cell.angle_gamma   120.00
#
_symmetry.space_group_name_H-M   'H 3'
#
loop_
_entity.id
_entity.type
_entity.pdbx_description
1 polymer 'Arylmalonate decarboxylase'
2 non-polymer 'SULFATE ION'
3 water water
#
_entity_poly.entity_id   1
_entity_poly.type   'polypeptide(L)'
_entity_poly.pdbx_seq_one_letter_code
;MQQASTPTIGMIVPPAAGLVPADGARLYPDLPFIASGLGLGSVTPEGYDAVIESVVDHARRLQKQGAAVVSLMCTSLSFY
RGAAFNAALTVAMREATGLPCTTMSTAVLNGLRALGVRRVALATAYIDDVNERLAAFLAEESLVPTGCRSLGITGVEAMA
RVDTATLVDLCVRAFEAAPDSDGILLSCGGLLTLDAIPEVERRLGVPVVSSSPAGFWDAVRLAGGGAKARPGYGRLFDES
;
_entity_poly.pdbx_strand_id   A
#
loop_
_chem_comp.id
_chem_comp.type
_chem_comp.name
_chem_comp.formula
SO4 non-polymer 'SULFATE ION' 'O4 S -2'
#
# COMPACT_ATOMS: atom_id res chain seq x y z
N PRO A 7 -11.77 14.54 -9.83
CA PRO A 7 -11.02 13.72 -10.78
C PRO A 7 -11.15 12.24 -10.42
N THR A 8 -11.40 11.40 -11.41
CA THR A 8 -11.68 10.01 -11.12
C THR A 8 -10.38 9.27 -10.97
N ILE A 9 -10.30 8.46 -9.93
CA ILE A 9 -9.07 7.74 -9.70
C ILE A 9 -9.22 6.27 -10.06
N GLY A 10 -8.31 5.77 -10.91
CA GLY A 10 -8.46 4.38 -11.35
C GLY A 10 -7.53 3.51 -10.53
N MET A 11 -7.99 2.35 -10.13
CA MET A 11 -7.17 1.42 -9.36
C MET A 11 -7.16 0.04 -9.96
N ILE A 12 -5.98 -0.53 -10.14
CA ILE A 12 -5.88 -1.90 -10.64
C ILE A 12 -5.73 -2.72 -9.37
N VAL A 13 -6.55 -3.76 -9.24
CA VAL A 13 -6.58 -4.63 -8.02
C VAL A 13 -6.34 -6.10 -8.36
N PRO A 14 -5.82 -6.88 -7.40
CA PRO A 14 -5.63 -8.32 -7.62
C PRO A 14 -6.86 -9.17 -8.03
N PRO A 15 -8.03 -9.04 -7.34
CA PRO A 15 -9.01 -10.10 -7.70
C PRO A 15 -9.69 -9.86 -9.04
N ALA A 16 -10.34 -10.90 -9.58
CA ALA A 16 -10.95 -10.85 -10.92
C ALA A 16 -12.08 -9.88 -10.93
N ALA A 17 -12.76 -9.80 -9.79
CA ALA A 17 -13.97 -9.02 -9.68
C ALA A 17 -13.75 -7.53 -9.82
N GLY A 18 -12.60 -7.04 -9.37
CA GLY A 18 -12.32 -5.65 -9.64
C GLY A 18 -13.03 -4.68 -8.70
N LEU A 19 -12.80 -4.88 -7.40
CA LEU A 19 -13.44 -4.21 -6.28
C LEU A 19 -12.51 -3.18 -5.67
N VAL A 20 -13.03 -2.00 -5.35
CA VAL A 20 -12.20 -0.96 -4.71
C VAL A 20 -11.74 -1.51 -3.34
N PRO A 21 -10.41 -1.41 -3.01
CA PRO A 21 -9.94 -1.87 -1.68
C PRO A 21 -10.73 -1.19 -0.56
N ALA A 22 -11.06 -1.94 0.48
CA ALA A 22 -11.84 -1.39 1.61
C ALA A 22 -10.98 -0.48 2.50
N ASP A 23 -9.70 -0.80 2.65
CA ASP A 23 -8.85 -0.12 3.65
C ASP A 23 -8.24 1.17 3.06
N GLY A 24 -8.80 2.30 3.45
CA GLY A 24 -8.32 3.57 2.93
C GLY A 24 -9.45 4.35 2.31
N ALA A 25 -10.50 3.67 1.89
CA ALA A 25 -11.55 4.35 1.15
C ALA A 25 -12.27 5.40 2.02
N ARG A 26 -12.42 5.09 3.29
CA ARG A 26 -12.96 5.94 4.34
C ARG A 26 -12.30 7.33 4.35
N LEU A 27 -11.06 7.40 3.97
CA LEU A 27 -10.31 8.67 3.96
C LEU A 27 -10.89 9.65 2.96
N TYR A 28 -11.50 9.13 1.90
CA TYR A 28 -11.94 9.94 0.77
C TYR A 28 -13.39 9.61 0.33
N PRO A 29 -14.35 9.78 1.25
CA PRO A 29 -15.74 9.32 0.98
C PRO A 29 -16.44 10.03 -0.16
N ASP A 30 -15.99 11.23 -0.52
CA ASP A 30 -16.63 11.98 -1.57
C ASP A 30 -16.05 11.71 -2.93
N LEU A 31 -14.93 11.01 -3.00
CA LEU A 31 -14.17 10.93 -4.23
C LEU A 31 -14.52 9.72 -5.06
N PRO A 32 -14.50 9.90 -6.39
CA PRO A 32 -14.81 8.76 -7.24
C PRO A 32 -13.58 7.84 -7.45
N PHE A 33 -13.78 6.54 -7.22
CA PHE A 33 -12.77 5.47 -7.38
C PHE A 33 -13.36 4.40 -8.30
N ILE A 34 -12.58 3.99 -9.29
CA ILE A 34 -13.01 2.94 -10.16
C ILE A 34 -11.91 1.85 -10.11
N ALA A 35 -12.31 0.60 -10.04
CA ALA A 35 -11.31 -0.45 -10.01
C ALA A 35 -11.45 -1.42 -11.17
N SER A 36 -10.34 -2.03 -11.55
CA SER A 36 -10.33 -3.05 -12.59
C SER A 36 -9.50 -4.23 -12.08
N GLY A 37 -10.05 -5.43 -12.15
CA GLY A 37 -9.47 -6.60 -11.50
C GLY A 37 -8.61 -7.41 -12.44
N LEU A 38 -7.43 -7.75 -11.97
CA LEU A 38 -6.45 -8.49 -12.74
C LEU A 38 -6.83 -9.97 -12.86
N GLY A 39 -7.48 -10.48 -11.83
CA GLY A 39 -7.78 -11.92 -11.74
C GLY A 39 -6.51 -12.73 -11.69
N LEU A 40 -5.59 -12.27 -10.85
CA LEU A 40 -4.24 -12.82 -10.78
C LEU A 40 -4.08 -14.29 -10.30
N GLY A 41 -4.87 -14.70 -9.32
CA GLY A 41 -4.61 -15.98 -8.67
C GLY A 41 -3.45 -15.87 -7.68
N SER A 42 -2.58 -14.88 -7.91
CA SER A 42 -1.55 -14.54 -6.94
C SER A 42 -1.45 -13.03 -6.79
N VAL A 43 -0.77 -12.56 -5.75
CA VAL A 43 -0.32 -11.16 -5.71
C VAL A 43 1.21 -11.08 -5.88
N THR A 44 1.82 -12.25 -6.04
CA THR A 44 3.24 -12.37 -6.27
C THR A 44 3.38 -13.42 -7.38
N PRO A 45 2.90 -13.10 -8.60
CA PRO A 45 2.87 -14.12 -9.64
C PRO A 45 4.20 -14.35 -10.35
N GLU A 46 4.32 -15.54 -10.94
CA GLU A 46 5.31 -15.79 -11.98
C GLU A 46 4.85 -15.18 -13.31
N GLY A 47 5.79 -14.81 -14.15
CA GLY A 47 5.48 -14.29 -15.47
C GLY A 47 5.70 -12.79 -15.56
N TYR A 48 6.96 -12.38 -15.43
CA TYR A 48 7.36 -10.98 -15.52
C TYR A 48 6.58 -10.24 -16.63
N ASP A 49 6.68 -10.75 -17.85
CA ASP A 49 6.01 -10.17 -19.04
C ASP A 49 4.49 -10.23 -19.01
N ALA A 50 3.94 -11.39 -18.68
CA ALA A 50 2.50 -11.59 -18.52
C ALA A 50 1.86 -10.62 -17.52
N VAL A 51 2.54 -10.41 -16.39
CA VAL A 51 2.07 -9.48 -15.36
C VAL A 51 2.03 -8.05 -15.91
N ILE A 52 3.14 -7.61 -16.49
CA ILE A 52 3.18 -6.28 -17.11
C ILE A 52 2.09 -6.14 -18.13
N GLU A 53 1.92 -7.17 -18.97
CA GLU A 53 0.87 -7.19 -19.99
C GLU A 53 -0.57 -7.06 -19.44
N SER A 54 -0.91 -7.82 -18.40
CA SER A 54 -2.26 -7.68 -17.81
C SER A 54 -2.41 -6.35 -17.16
N VAL A 55 -1.35 -5.87 -16.48
CA VAL A 55 -1.41 -4.59 -15.78
C VAL A 55 -1.66 -3.51 -16.85
N VAL A 56 -0.94 -3.57 -17.97
CA VAL A 56 -1.22 -2.64 -19.09
C VAL A 56 -2.65 -2.70 -19.62
N ASP A 57 -3.12 -3.91 -19.91
CA ASP A 57 -4.48 -4.13 -20.34
C ASP A 57 -5.48 -3.47 -19.40
N HIS A 58 -5.30 -3.70 -18.11
CA HIS A 58 -6.23 -3.13 -17.11
C HIS A 58 -6.08 -1.64 -16.93
N ALA A 59 -4.87 -1.11 -17.08
CA ALA A 59 -4.68 0.35 -17.06
C ALA A 59 -5.46 1.01 -18.21
N ARG A 60 -5.39 0.37 -19.39
CA ARG A 60 -6.13 0.88 -20.59
C ARG A 60 -7.63 0.80 -20.38
N ARG A 61 -8.10 -0.27 -19.72
CA ARG A 61 -9.55 -0.32 -19.40
C ARG A 61 -9.97 0.83 -18.50
N LEU A 62 -9.11 1.18 -17.53
CA LEU A 62 -9.43 2.26 -16.62
C LEU A 62 -9.38 3.63 -17.37
N GLN A 63 -8.41 3.78 -18.25
CA GLN A 63 -8.35 5.04 -19.02
C GLN A 63 -9.67 5.21 -19.82
N LYS A 64 -10.14 4.14 -20.44
CA LYS A 64 -11.40 4.20 -21.24
C LYS A 64 -12.61 4.51 -20.39
N GLN A 65 -12.53 4.19 -19.11
CA GLN A 65 -13.59 4.58 -18.15
C GLN A 65 -13.46 5.97 -17.53
N GLY A 66 -12.47 6.76 -17.97
CA GLY A 66 -12.35 8.15 -17.50
C GLY A 66 -11.44 8.42 -16.32
N ALA A 67 -10.69 7.41 -15.89
CA ALA A 67 -9.66 7.64 -14.85
C ALA A 67 -8.69 8.77 -15.25
N ALA A 68 -8.35 9.62 -14.28
CA ALA A 68 -7.39 10.71 -14.47
C ALA A 68 -5.99 10.23 -14.10
N VAL A 69 -5.94 9.19 -13.26
CA VAL A 69 -4.66 8.57 -12.92
C VAL A 69 -4.93 7.12 -12.71
N VAL A 70 -3.88 6.29 -12.72
CA VAL A 70 -4.06 4.88 -12.40
C VAL A 70 -3.07 4.51 -11.28
N SER A 71 -3.55 3.82 -10.24
CA SER A 71 -2.64 3.23 -9.27
C SER A 71 -2.79 1.72 -9.31
N LEU A 72 -1.67 1.03 -9.36
CA LEU A 72 -1.68 -0.41 -9.11
C LEU A 72 -1.75 -0.64 -7.59
N MET A 73 -2.92 -1.03 -7.14
CA MET A 73 -3.25 -0.98 -5.71
C MET A 73 -3.01 -2.34 -5.13
N CYS A 74 -1.76 -2.73 -5.15
CA CYS A 74 -1.35 -3.92 -4.44
C CYS A 74 0.09 -3.72 -4.07
N THR A 75 0.40 -3.75 -2.77
CA THR A 75 1.77 -3.57 -2.30
C THR A 75 2.69 -4.73 -2.78
N SER A 76 2.35 -5.98 -2.42
CA SER A 76 3.19 -7.18 -2.76
C SER A 76 3.56 -7.24 -4.23
N LEU A 77 2.57 -7.06 -5.09
CA LEU A 77 2.77 -7.13 -6.55
C LEU A 77 3.75 -6.04 -7.01
N SER A 78 3.76 -4.90 -6.32
CA SER A 78 4.65 -3.85 -6.74
C SER A 78 6.02 -3.91 -6.08
N PHE A 79 6.21 -4.71 -5.03
CA PHE A 79 7.53 -4.76 -4.40
C PHE A 79 8.27 -6.08 -4.52
N TYR A 80 7.58 -7.15 -4.93
CA TYR A 80 8.15 -8.48 -4.72
C TYR A 80 9.34 -8.76 -5.63
N ARG A 81 9.49 -7.96 -6.69
CA ARG A 81 10.60 -8.13 -7.63
C ARG A 81 11.54 -6.93 -7.61
N GLY A 82 11.45 -6.16 -6.52
CA GLY A 82 12.35 -5.06 -6.31
C GLY A 82 12.02 -3.81 -7.09
N ALA A 83 12.88 -2.81 -6.93
CA ALA A 83 12.67 -1.47 -7.45
C ALA A 83 12.53 -1.42 -8.97
N ALA A 84 13.29 -2.27 -9.67
CA ALA A 84 13.34 -2.26 -11.13
C ALA A 84 11.98 -2.64 -11.67
N PHE A 85 11.28 -3.53 -10.94
CA PHE A 85 9.93 -3.95 -11.37
C PHE A 85 8.83 -2.96 -11.01
N ASN A 86 8.88 -2.35 -9.83
CA ASN A 86 7.97 -1.27 -9.48
C ASN A 86 8.09 -0.15 -10.54
N ALA A 87 9.31 0.22 -10.91
CA ALA A 87 9.52 1.19 -11.98
C ALA A 87 8.97 0.69 -13.32
N ALA A 88 9.24 -0.57 -13.67
CA ALA A 88 8.82 -1.07 -14.99
C ALA A 88 7.30 -1.04 -15.09
N LEU A 89 6.65 -1.42 -14.00
CA LEU A 89 5.17 -1.35 -13.93
C LEU A 89 4.67 0.04 -14.22
N THR A 90 5.25 1.03 -13.54
CA THR A 90 4.84 2.44 -13.61
C THR A 90 5.05 3.01 -15.01
N VAL A 91 6.22 2.73 -15.59
CA VAL A 91 6.54 3.25 -16.92
C VAL A 91 5.60 2.64 -17.96
N ALA A 92 5.40 1.32 -17.89
CA ALA A 92 4.49 0.63 -18.82
C ALA A 92 3.05 1.14 -18.73
N MET A 93 2.50 1.30 -17.51
CA MET A 93 1.16 1.90 -17.39
C MET A 93 1.09 3.32 -17.99
N ARG A 94 2.02 4.19 -17.64
CA ARG A 94 1.96 5.59 -18.11
C ARG A 94 2.04 5.68 -19.64
N GLU A 95 2.90 4.88 -20.25
CA GLU A 95 3.02 4.89 -21.71
C GLU A 95 1.79 4.35 -22.39
N ALA A 96 1.21 3.30 -21.82
CA ALA A 96 0.01 2.73 -22.42
C ALA A 96 -1.19 3.66 -22.25
N THR A 97 -1.22 4.46 -21.20
CA THR A 97 -2.44 5.27 -20.92
C THR A 97 -2.35 6.75 -21.25
N GLY A 98 -1.12 7.30 -21.21
CA GLY A 98 -0.91 8.73 -21.17
C GLY A 98 -1.37 9.40 -19.88
N LEU A 99 -1.60 8.63 -18.81
CA LEU A 99 -2.02 9.19 -17.52
C LEU A 99 -0.86 9.11 -16.55
N PRO A 100 -0.82 9.97 -15.52
CA PRO A 100 0.14 9.69 -14.46
C PRO A 100 -0.25 8.39 -13.74
N CYS A 101 0.72 7.52 -13.53
CA CYS A 101 0.42 6.22 -12.88
C CYS A 101 1.38 5.99 -11.71
N THR A 102 1.00 5.14 -10.76
CA THR A 102 1.78 4.96 -9.55
C THR A 102 1.44 3.56 -9.04
N THR A 103 2.04 3.18 -7.91
CA THR A 103 1.76 1.86 -7.35
C THR A 103 1.75 1.97 -5.85
N MET A 104 1.14 0.99 -5.19
CA MET A 104 1.04 1.03 -3.76
C MET A 104 2.41 1.05 -3.09
N SER A 105 3.41 0.41 -3.70
CA SER A 105 4.78 0.45 -3.15
C SER A 105 5.42 1.83 -3.24
N THR A 106 5.15 2.55 -4.35
CA THR A 106 5.59 3.96 -4.48
C THR A 106 4.88 4.81 -3.44
N ALA A 107 3.60 4.48 -3.20
CA ALA A 107 2.81 5.18 -2.23
C ALA A 107 3.46 5.07 -0.85
N VAL A 108 3.88 3.85 -0.51
CA VAL A 108 4.52 3.56 0.77
C VAL A 108 5.81 4.37 0.90
N LEU A 109 6.64 4.32 -0.13
CA LEU A 109 7.88 5.12 -0.13
C LEU A 109 7.62 6.59 0.08
N ASN A 110 6.60 7.10 -0.62
CA ASN A 110 6.22 8.48 -0.54
C ASN A 110 5.77 8.86 0.86
N GLY A 111 5.02 7.96 1.52
CA GLY A 111 4.53 8.20 2.89
C GLY A 111 5.66 8.20 3.89
N LEU A 112 6.56 7.24 3.77
CA LEU A 112 7.72 7.14 4.69
C LEU A 112 8.64 8.37 4.58
N ARG A 113 8.92 8.79 3.36
CA ARG A 113 9.65 10.05 3.13
C ARG A 113 8.99 11.31 3.67
N ALA A 114 7.67 11.43 3.48
CA ALA A 114 6.94 12.62 3.93
C ALA A 114 7.02 12.73 5.44
N LEU A 115 7.15 11.58 6.11
CA LEU A 115 7.22 11.58 7.57
C LEU A 115 8.67 11.60 8.08
N GLY A 116 9.62 11.55 7.16
CA GLY A 116 11.04 11.63 7.51
C GLY A 116 11.67 10.33 7.98
N VAL A 117 10.97 9.20 7.75
CA VAL A 117 11.40 7.92 8.28
C VAL A 117 12.53 7.34 7.46
N ARG A 118 13.64 6.96 8.09
CA ARG A 118 14.60 6.08 7.40
C ARG A 118 15.01 4.82 8.08
N ARG A 119 14.63 4.66 9.34
CA ARG A 119 14.84 3.41 10.05
C ARG A 119 13.45 2.86 10.32
N VAL A 120 13.03 1.86 9.55
CA VAL A 120 11.61 1.48 9.54
C VAL A 120 11.35 0.08 10.07
N ALA A 121 10.48 -0.03 11.09
CA ALA A 121 10.04 -1.34 11.65
C ALA A 121 8.84 -1.85 10.83
N LEU A 122 8.81 -3.14 10.53
CA LEU A 122 7.73 -3.68 9.71
C LEU A 122 6.73 -4.42 10.59
N ALA A 123 5.46 -4.17 10.32
CA ALA A 123 4.37 -4.89 10.96
C ALA A 123 3.49 -5.40 9.80
N THR A 124 3.50 -6.70 9.52
CA THR A 124 2.81 -7.17 8.33
C THR A 124 1.91 -8.38 8.54
N ALA A 125 1.16 -8.71 7.50
CA ALA A 125 0.39 -9.99 7.48
C ALA A 125 0.95 -10.90 6.39
N TYR A 126 2.23 -10.75 6.05
CA TYR A 126 2.81 -11.59 4.99
C TYR A 126 3.55 -12.83 5.52
N ILE A 127 3.86 -13.76 4.61
CA ILE A 127 4.74 -14.88 4.97
C ILE A 127 6.21 -14.44 4.91
N ASP A 128 7.12 -15.23 5.49
CA ASP A 128 8.54 -14.88 5.58
C ASP A 128 9.19 -14.41 4.27
N ASP A 129 9.01 -15.19 3.20
CA ASP A 129 9.65 -14.89 1.92
C ASP A 129 9.21 -13.53 1.42
N VAL A 130 7.93 -13.23 1.59
CA VAL A 130 7.36 -11.95 1.19
C VAL A 130 7.85 -10.78 2.06
N ASN A 131 7.87 -10.97 3.39
CA ASN A 131 8.51 -9.97 4.25
C ASN A 131 9.98 -9.76 3.86
N GLU A 132 10.66 -10.82 3.44
CA GLU A 132 12.09 -10.62 3.03
C GLU A 132 12.21 -9.75 1.76
N ARG A 133 11.30 -9.95 0.80
CA ARG A 133 11.29 -9.15 -0.42
C ARG A 133 10.94 -7.70 -0.09
N LEU A 134 10.03 -7.50 0.85
CA LEU A 134 9.68 -6.13 1.28
C LEU A 134 10.90 -5.45 1.88
N ALA A 135 11.55 -6.14 2.81
CA ALA A 135 12.76 -5.58 3.40
C ALA A 135 13.81 -5.25 2.32
N ALA A 136 13.97 -6.11 1.34
CA ALA A 136 14.93 -5.92 0.22
C ALA A 136 14.60 -4.71 -0.62
N PHE A 137 13.32 -4.54 -0.93
CA PHE A 137 12.81 -3.36 -1.66
C PHE A 137 13.09 -2.07 -0.92
N LEU A 138 12.83 -2.05 0.39
CA LEU A 138 13.02 -0.83 1.13
C LEU A 138 14.50 -0.55 1.28
N ALA A 139 15.33 -1.58 1.47
CA ALA A 139 16.81 -1.40 1.47
C ALA A 139 17.32 -0.75 0.15
N GLU A 140 16.68 -1.07 -0.97
CA GLU A 140 17.07 -0.55 -2.28
C GLU A 140 16.72 0.91 -2.40
N GLU A 141 15.80 1.37 -1.54
CA GLU A 141 15.27 2.69 -1.63
C GLU A 141 15.81 3.58 -0.53
N SER A 142 16.94 3.17 0.05
CA SER A 142 17.58 3.97 1.10
C SER A 142 16.76 4.11 2.40
N LEU A 143 16.15 2.99 2.79
CA LEU A 143 15.52 2.90 4.08
C LEU A 143 16.21 1.76 4.77
N VAL A 144 16.21 1.75 6.09
CA VAL A 144 16.82 0.67 6.81
C VAL A 144 15.70 -0.14 7.46
N PRO A 145 15.40 -1.35 6.94
CA PRO A 145 14.37 -2.11 7.68
C PRO A 145 14.97 -2.66 8.96
N THR A 146 14.41 -2.27 10.10
CA THR A 146 15.04 -2.58 11.39
C THR A 146 14.53 -3.88 12.06
N GLY A 147 13.47 -4.48 11.50
CA GLY A 147 12.93 -5.71 12.05
C GLY A 147 11.51 -5.87 11.52
N CYS A 148 10.89 -7.00 11.84
CA CYS A 148 9.54 -7.28 11.32
C CYS A 148 8.85 -8.19 12.30
N ARG A 149 7.58 -7.88 12.56
CA ARG A 149 6.68 -8.79 13.25
C ARG A 149 5.44 -8.99 12.39
N SER A 150 4.98 -10.22 12.30
CA SER A 150 3.84 -10.55 11.41
C SER A 150 2.69 -11.21 12.14
N LEU A 151 1.48 -11.00 11.64
CA LEU A 151 0.25 -11.57 12.25
C LEU A 151 0.23 -13.10 12.22
N GLY A 152 0.77 -13.66 11.14
CA GLY A 152 0.93 -15.13 10.98
C GLY A 152 -0.39 -15.87 10.87
N ILE A 153 -1.37 -15.22 10.23
CA ILE A 153 -2.74 -15.80 10.02
C ILE A 153 -3.04 -16.07 8.55
N THR A 154 -3.94 -17.02 8.28
CA THR A 154 -4.46 -17.25 6.91
C THR A 154 -5.93 -17.66 6.97
N GLY A 155 -6.63 -17.50 5.85
CA GLY A 155 -8.08 -17.87 5.76
C GLY A 155 -9.01 -16.72 6.19
N VAL A 156 -10.22 -16.67 5.59
CA VAL A 156 -11.17 -15.55 5.92
C VAL A 156 -11.56 -15.45 7.38
N GLU A 157 -11.65 -16.60 8.03
CA GLU A 157 -12.04 -16.68 9.41
C GLU A 157 -11.07 -15.88 10.30
N ALA A 158 -9.79 -16.13 10.10
CA ALA A 158 -8.81 -15.51 10.94
C ALA A 158 -8.69 -14.03 10.58
N MET A 159 -8.79 -13.74 9.29
CA MET A 159 -8.68 -12.37 8.82
C MET A 159 -9.84 -11.57 9.38
N ALA A 160 -11.02 -12.21 9.42
CA ALA A 160 -12.24 -11.63 9.97
C ALA A 160 -12.11 -11.28 11.44
N ARG A 161 -11.33 -12.08 12.16
CA ARG A 161 -11.15 -11.95 13.61
C ARG A 161 -10.16 -10.87 14.01
N VAL A 162 -9.47 -10.27 13.04
CA VAL A 162 -8.55 -9.15 13.34
C VAL A 162 -9.35 -7.92 13.69
N ASP A 163 -9.01 -7.26 14.80
CA ASP A 163 -9.60 -5.97 15.11
C ASP A 163 -8.51 -4.92 15.29
N THR A 164 -8.90 -3.67 15.50
CA THR A 164 -7.94 -2.61 15.76
C THR A 164 -6.91 -2.97 16.83
N ALA A 165 -7.36 -3.41 18.00
CA ALA A 165 -6.42 -3.80 19.06
C ALA A 165 -5.30 -4.76 18.58
N THR A 166 -5.67 -5.75 17.79
CA THR A 166 -4.73 -6.79 17.24
C THR A 166 -3.61 -6.06 16.47
N LEU A 167 -4.00 -5.06 15.69
CA LEU A 167 -3.05 -4.34 14.81
C LEU A 167 -2.21 -3.36 15.61
N VAL A 168 -2.81 -2.77 16.65
CA VAL A 168 -2.03 -1.90 17.52
C VAL A 168 -0.95 -2.71 18.25
N ASP A 169 -1.34 -3.85 18.81
CA ASP A 169 -0.42 -4.70 19.55
C ASP A 169 0.68 -5.18 18.61
N LEU A 170 0.29 -5.56 17.40
CA LEU A 170 1.27 -5.91 16.38
C LEU A 170 2.36 -4.82 16.20
N CYS A 171 1.93 -3.56 16.06
CA CYS A 171 2.90 -2.47 15.84
C CYS A 171 3.76 -2.21 17.08
N VAL A 172 3.18 -2.37 18.25
CA VAL A 172 3.92 -2.15 19.49
C VAL A 172 5.01 -3.21 19.60
N ARG A 173 4.64 -4.46 19.34
CA ARG A 173 5.59 -5.58 19.26
C ARG A 173 6.76 -5.33 18.34
N ALA A 174 6.44 -4.90 17.12
CA ALA A 174 7.47 -4.67 16.10
C ALA A 174 8.39 -3.56 16.56
N PHE A 175 7.81 -2.57 17.21
CA PHE A 175 8.62 -1.47 17.70
C PHE A 175 9.50 -1.84 18.90
N GLU A 176 8.96 -2.59 19.85
CA GLU A 176 9.73 -3.02 21.05
C GLU A 176 10.95 -3.78 20.66
N ALA A 177 10.82 -4.55 19.58
CA ALA A 177 11.85 -5.41 19.05
C ALA A 177 12.92 -4.62 18.31
N ALA A 178 12.58 -3.42 17.83
CA ALA A 178 13.48 -2.62 17.00
C ALA A 178 13.38 -1.19 17.51
N PRO A 179 13.83 -0.95 18.76
CA PRO A 179 13.57 0.35 19.37
C PRO A 179 14.28 1.54 18.70
N ASP A 180 15.24 1.26 17.81
CA ASP A 180 16.00 2.26 17.06
C ASP A 180 15.21 2.87 15.88
N SER A 181 14.00 2.35 15.66
CA SER A 181 13.21 2.67 14.46
C SER A 181 12.68 4.09 14.55
N ASP A 182 12.67 4.76 13.38
CA ASP A 182 12.13 6.10 13.13
C ASP A 182 10.62 6.11 12.91
N GLY A 183 10.04 4.96 12.61
CA GLY A 183 8.65 4.90 12.15
C GLY A 183 8.34 3.48 11.80
N ILE A 184 7.05 3.22 11.60
CA ILE A 184 6.53 1.86 11.40
C ILE A 184 5.77 1.78 10.07
N LEU A 185 6.05 0.75 9.28
CA LEU A 185 5.24 0.44 8.11
C LEU A 185 4.31 -0.71 8.46
N LEU A 186 3.02 -0.41 8.51
CA LEU A 186 1.96 -1.40 8.71
C LEU A 186 1.49 -1.84 7.32
N SER A 187 1.82 -3.06 6.93
CA SER A 187 1.45 -3.53 5.61
C SER A 187 0.66 -4.84 5.78
N CYS A 188 -0.64 -4.67 5.96
CA CYS A 188 -1.51 -5.74 6.44
C CYS A 188 -2.60 -5.83 5.37
N GLY A 189 -2.17 -6.35 4.21
CA GLY A 189 -3.07 -6.47 3.04
C GLY A 189 -4.41 -7.08 3.40
N GLY A 190 -5.48 -6.37 3.09
CA GLY A 190 -6.82 -6.96 3.26
C GLY A 190 -7.47 -6.70 4.62
N LEU A 191 -6.75 -6.04 5.52
CA LEU A 191 -7.30 -5.79 6.88
C LEU A 191 -7.54 -4.31 7.04
N LEU A 192 -8.35 -3.94 8.05
CA LEU A 192 -8.77 -2.56 8.17
C LEU A 192 -7.88 -1.88 9.19
N THR A 193 -7.10 -0.88 8.78
CA THR A 193 -6.00 -0.40 9.63
C THR A 193 -6.12 1.05 10.10
N LEU A 194 -7.04 1.82 9.54
CA LEU A 194 -7.09 3.28 9.76
C LEU A 194 -7.11 3.72 11.22
N ASP A 195 -8.02 3.13 11.98
CA ASP A 195 -8.16 3.42 13.40
C ASP A 195 -6.93 3.03 14.22
N ALA A 196 -6.17 2.04 13.74
CA ALA A 196 -4.95 1.64 14.45
C ALA A 196 -3.86 2.70 14.39
N ILE A 197 -3.79 3.45 13.29
CA ILE A 197 -2.70 4.36 12.99
C ILE A 197 -2.50 5.42 14.10
N PRO A 198 -3.53 6.22 14.39
CA PRO A 198 -3.29 7.23 15.42
C PRO A 198 -3.15 6.68 16.85
N GLU A 199 -3.76 5.53 17.14
CA GLU A 199 -3.55 4.82 18.43
C GLU A 199 -2.08 4.40 18.58
N VAL A 200 -1.52 3.80 17.54
CA VAL A 200 -0.08 3.44 17.57
C VAL A 200 0.82 4.66 17.72
N GLU A 201 0.50 5.73 17.01
CA GLU A 201 1.33 6.94 17.06
C GLU A 201 1.29 7.59 18.46
N ARG A 202 0.11 7.55 19.09
CA ARG A 202 -0.09 8.00 20.47
C ARG A 202 0.71 7.16 21.47
N ARG A 203 0.55 5.85 21.39
CA ARG A 203 1.20 4.94 22.31
C ARG A 203 2.73 4.93 22.16
N LEU A 204 3.22 5.12 20.93
CA LEU A 204 4.66 5.03 20.68
C LEU A 204 5.40 6.31 20.41
N GLY A 205 4.73 7.35 19.96
CA GLY A 205 5.39 8.62 19.60
C GLY A 205 6.27 8.53 18.37
N VAL A 206 5.85 7.69 17.44
CA VAL A 206 6.61 7.45 16.24
C VAL A 206 5.54 7.29 15.11
N PRO A 207 5.78 7.88 13.91
CA PRO A 207 4.70 7.91 12.91
C PRO A 207 4.53 6.55 12.21
N VAL A 208 3.33 6.27 11.74
CA VAL A 208 3.01 5.01 11.09
C VAL A 208 2.51 5.26 9.66
N VAL A 209 3.04 4.49 8.70
CA VAL A 209 2.50 4.44 7.35
C VAL A 209 1.78 3.10 7.18
N SER A 210 0.51 3.13 6.80
CA SER A 210 -0.18 1.89 6.41
C SER A 210 -0.36 1.83 4.91
N SER A 211 0.03 0.70 4.34
CA SER A 211 0.20 0.55 2.90
C SER A 211 -1.07 0.82 2.05
N SER A 212 -2.19 0.21 2.35
CA SER A 212 -3.40 0.44 1.55
C SER A 212 -3.88 1.90 1.65
N PRO A 213 -4.07 2.41 2.89
CA PRO A 213 -4.36 3.85 3.04
C PRO A 213 -3.35 4.76 2.34
N ALA A 214 -2.05 4.49 2.45
CA ALA A 214 -1.04 5.28 1.72
C ALA A 214 -1.31 5.25 0.21
N GLY A 215 -1.77 4.12 -0.29
CA GLY A 215 -2.11 3.98 -1.72
C GLY A 215 -3.21 4.96 -2.17
N PHE A 216 -4.26 5.07 -1.36
CA PHE A 216 -5.37 5.99 -1.65
C PHE A 216 -4.81 7.41 -1.61
N TRP A 217 -4.08 7.75 -0.56
CA TRP A 217 -3.54 9.11 -0.38
C TRP A 217 -2.66 9.56 -1.55
N ASP A 218 -1.78 8.66 -1.97
CA ASP A 218 -0.78 8.91 -3.01
C ASP A 218 -1.44 9.09 -4.37
N ALA A 219 -2.46 8.25 -4.65
CA ALA A 219 -3.25 8.37 -5.87
C ALA A 219 -4.05 9.67 -5.89
N VAL A 220 -4.63 10.06 -4.75
CA VAL A 220 -5.35 11.32 -4.64
C VAL A 220 -4.39 12.53 -4.82
N ARG A 221 -3.18 12.45 -4.26
CA ARG A 221 -2.14 13.48 -4.47
C ARG A 221 -1.74 13.61 -5.94
N LEU A 222 -1.50 12.47 -6.58
CA LEU A 222 -1.10 12.43 -7.98
C LEU A 222 -2.16 13.03 -8.91
N ALA A 223 -3.44 12.78 -8.60
CA ALA A 223 -4.55 13.37 -9.35
C ALA A 223 -4.62 14.90 -9.17
N GLY A 224 -3.87 15.42 -8.20
CA GLY A 224 -3.72 16.85 -7.97
C GLY A 224 -4.99 17.67 -7.86
N GLY A 225 -6.06 17.08 -7.34
CA GLY A 225 -7.30 17.82 -7.12
C GLY A 225 -7.35 18.67 -5.84
N GLY A 226 -6.43 18.43 -4.91
CA GLY A 226 -6.44 19.13 -3.62
C GLY A 226 -7.36 18.65 -2.50
N ALA A 227 -8.11 17.57 -2.70
CA ALA A 227 -8.95 17.02 -1.61
C ALA A 227 -8.13 16.55 -0.41
N LYS A 228 -8.60 16.86 0.79
CA LYS A 228 -7.90 16.45 2.03
C LYS A 228 -8.51 15.18 2.57
N ALA A 229 -7.67 14.26 3.06
CA ALA A 229 -8.16 13.10 3.80
C ALA A 229 -8.96 13.55 5.03
N ARG A 230 -9.99 12.81 5.41
CA ARG A 230 -10.67 13.06 6.65
C ARG A 230 -9.66 13.12 7.78
N PRO A 231 -9.84 14.00 8.74
CA PRO A 231 -8.91 14.14 9.86
C PRO A 231 -9.01 13.03 10.93
N GLY A 232 -7.94 12.85 11.70
CA GLY A 232 -7.96 11.90 12.82
C GLY A 232 -7.32 10.54 12.53
N TYR A 233 -6.64 10.42 11.40
CA TYR A 233 -6.06 9.13 11.01
C TYR A 233 -4.54 9.14 10.92
N GLY A 234 -3.93 9.98 11.76
CA GLY A 234 -2.50 9.90 11.99
C GLY A 234 -1.85 11.08 11.32
N ARG A 235 -0.56 11.24 11.54
CA ARG A 235 0.14 12.44 11.13
C ARG A 235 0.24 12.61 9.63
N LEU A 236 0.57 11.53 8.91
CA LEU A 236 0.67 11.57 7.46
C LEU A 236 -0.59 12.15 6.85
N PHE A 237 -1.74 11.61 7.24
CA PHE A 237 -3.01 11.99 6.64
C PHE A 237 -3.57 13.32 7.17
N ASP A 238 -3.28 13.63 8.44
CA ASP A 238 -3.55 14.96 8.96
C ASP A 238 -2.77 16.03 8.19
N GLU A 239 -1.56 15.65 7.75
CA GLU A 239 -0.77 16.32 6.70
C GLU A 239 -0.41 17.77 6.92
S SO4 B . -0.92 -6.17 -0.15
O1 SO4 B . -0.49 -5.69 1.18
O2 SO4 B . 0.17 -6.79 -0.92
O3 SO4 B . -1.92 -7.21 0.08
O4 SO4 B . -1.45 -5.01 -0.90
S SO4 C . -13.08 -4.03 -16.14
O1 SO4 C . -13.56 -4.12 -17.51
O2 SO4 C . -14.21 -4.06 -15.23
O3 SO4 C . -12.22 -5.20 -15.84
O4 SO4 C . -12.34 -2.78 -15.94
#